data_3MXM
#
_entry.id   3MXM
#
_cell.length_a   70.468
_cell.length_b   86.026
_cell.length_c   92.790
_cell.angle_alpha   90.00
_cell.angle_beta   90.00
_cell.angle_gamma   90.00
#
_symmetry.space_group_name_H-M   'P 21 21 21'
#
loop_
_entity.id
_entity.type
_entity.pdbx_description
1 polymer 'Three prime repair exonuclease 1'
2 polymer "DNA (5'-D(*GP*AP*CP*G)-3')"
3 non-polymer 'CALCIUM ION'
4 non-polymer 'IODIDE ION'
5 water water
#
loop_
_entity_poly.entity_id
_entity_poly.type
_entity_poly.pdbx_seq_one_letter_code
_entity_poly.pdbx_strand_id
1 'polypeptide(L)'
;MGSQTLPHGHMQTLIFLDLEATGLPSSRPEVTELCLLAVHRRALENTSISQGHPPPVPRPPRVVDKLSLCIAPGKACSPG
ASEITGLSKAELEVQGRQRFDDNLAILLRAFLQRQPQPCCLVAHNGDRYDFPLLQTELARLSTPSPLDGTFCVDSIAALK
ALEQASSPSGNGSRKSYSLGSIYTRLYWQAPTDSHTAEGDDLTLLSICQWKPQALLQWVDEHARPFSTVKPMYGTPATTG
TT
;
B,A
2 'polydeoxyribonucleotide' (DG)(DA)(DC)(DG) C,D
#
loop_
_chem_comp.id
_chem_comp.type
_chem_comp.name
_chem_comp.formula
CA non-polymer 'CALCIUM ION' 'Ca 2'
DA DNA linking 2'-DEOXYADENOSINE-5'-MONOPHOSPHATE 'C10 H14 N5 O6 P'
DC DNA linking 2'-DEOXYCYTIDINE-5'-MONOPHOSPHATE 'C9 H14 N3 O7 P'
DG DNA linking 2'-DEOXYGUANOSINE-5'-MONOPHOSPHATE 'C10 H14 N5 O7 P'
IOD non-polymer 'IODIDE ION' 'I -1'
#
# COMPACT_ATOMS: atom_id res chain seq x y z
N LEU A 6 -0.09 14.51 29.24
CA LEU A 6 -0.43 14.20 27.86
C LEU A 6 -1.50 15.15 27.33
N PRO A 7 -1.08 16.10 26.49
CA PRO A 7 -1.97 17.15 25.96
C PRO A 7 -3.21 16.61 25.26
N HIS A 8 -3.11 15.45 24.61
CA HIS A 8 -4.24 14.92 23.85
C HIS A 8 -4.51 13.43 24.08
N GLY A 9 -4.08 12.91 25.23
CA GLY A 9 -4.27 11.51 25.55
C GLY A 9 -3.31 10.62 24.80
N HIS A 10 -3.44 9.31 24.99
CA HIS A 10 -2.58 8.37 24.29
C HIS A 10 -2.99 8.23 22.83
N MET A 11 -2.04 8.37 21.92
CA MET A 11 -2.34 8.15 20.51
C MET A 11 -2.53 6.66 20.28
N GLN A 12 -3.63 6.29 19.63
CA GLN A 12 -3.91 4.89 19.40
C GLN A 12 -3.35 4.44 18.06
N THR A 13 -3.24 5.35 17.11
CA THR A 13 -2.67 5.03 15.81
C THR A 13 -1.59 6.03 15.46
N LEU A 14 -0.44 5.53 15.02
CA LEU A 14 0.56 6.39 14.41
C LEU A 14 0.53 6.17 12.91
N ILE A 15 0.47 7.25 12.15
CA ILE A 15 0.48 7.14 10.71
C ILE A 15 1.76 7.76 10.16
N PHE A 16 2.65 6.90 9.70
CA PHE A 16 3.91 7.36 9.14
C PHE A 16 3.62 7.88 7.75
N LEU A 17 3.99 9.14 7.53
CA LEU A 17 3.68 9.85 6.30
C LEU A 17 4.98 10.18 5.60
N ASP A 18 5.02 9.95 4.29
CA ASP A 18 6.13 10.48 3.50
C ASP A 18 5.59 10.95 2.15
N LEU A 19 6.13 12.06 1.67
CA LEU A 19 5.72 12.60 0.38
C LEU A 19 6.92 12.69 -0.56
N GLU A 20 6.69 12.51 -1.86
CA GLU A 20 7.64 13.02 -2.83
C GLU A 20 6.97 14.22 -3.47
N ALA A 21 7.77 15.10 -4.06
CA ALA A 21 7.23 16.35 -4.60
C ALA A 21 8.14 16.91 -5.66
N THR A 22 7.72 18.01 -6.28
CA THR A 22 8.45 18.57 -7.39
C THR A 22 9.76 19.23 -6.97
N GLY A 23 9.89 19.52 -5.68
CA GLY A 23 11.09 20.19 -5.19
C GLY A 23 11.03 20.57 -3.73
N LEU A 24 11.92 21.49 -3.36
CA LEU A 24 12.10 21.93 -1.97
C LEU A 24 11.25 23.16 -1.68
N PRO A 25 11.10 23.50 -0.38
CA PRO A 25 10.18 24.59 0.00
C PRO A 25 10.38 25.89 -0.77
N SER A 26 11.61 26.31 -1.00
CA SER A 26 11.81 27.57 -1.74
C SER A 26 11.12 27.60 -3.11
N SER A 27 10.81 26.43 -3.67
CA SER A 27 10.24 26.34 -5.02
C SER A 27 8.71 26.28 -5.12
N ARG A 28 8.00 26.41 -3.99
CA ARG A 28 6.55 26.25 -3.98
C ARG A 28 6.16 24.89 -4.59
N PRO A 29 6.61 23.80 -3.96
CA PRO A 29 6.49 22.48 -4.59
C PRO A 29 5.08 21.90 -4.55
N GLU A 30 4.85 20.91 -5.40
CA GLU A 30 3.59 20.18 -5.39
C GLU A 30 3.87 18.71 -5.21
N VAL A 31 2.98 18.02 -4.50
CA VAL A 31 3.12 16.59 -4.22
C VAL A 31 3.00 15.72 -5.48
N THR A 32 3.90 14.75 -5.59
CA THR A 32 3.89 13.79 -6.69
C THR A 32 3.72 12.35 -6.19
N GLU A 33 3.89 12.13 -4.89
CA GLU A 33 3.68 10.80 -4.32
C GLU A 33 3.37 10.91 -2.84
N LEU A 34 2.46 10.06 -2.35
CA LEU A 34 2.09 10.09 -0.95
C LEU A 34 2.01 8.66 -0.43
N CYS A 35 2.63 8.39 0.71
CA CYS A 35 2.46 7.10 1.36
C CYS A 35 2.04 7.27 2.82
N LEU A 36 1.05 6.47 3.23
CA LEU A 36 0.68 6.35 4.64
C LEU A 36 0.89 4.93 5.12
N LEU A 37 1.52 4.76 6.28
CA LEU A 37 1.56 3.46 6.95
C LEU A 37 0.92 3.64 8.31
N ALA A 38 -0.28 3.09 8.49
CA ALA A 38 -1.00 3.26 9.74
C ALA A 38 -0.73 2.06 10.65
N VAL A 39 -0.18 2.35 11.83
CA VAL A 39 0.26 1.32 12.76
C VAL A 39 -0.38 1.58 14.11
N HIS A 40 -1.00 0.57 14.71
CA HIS A 40 -1.62 0.72 16.01
C HIS A 40 -0.56 0.80 17.08
N ARG A 41 -0.82 1.55 18.15
CA ARG A 41 0.21 1.69 19.19
C ARG A 41 0.61 0.33 19.76
N ARG A 42 -0.34 -0.60 19.82
CA ARG A 42 -0.02 -1.93 20.33
C ARG A 42 1.02 -2.66 19.50
N ALA A 43 0.96 -2.47 18.18
CA ALA A 43 1.95 -3.06 17.27
C ALA A 43 3.34 -2.50 17.55
N LEU A 44 3.41 -1.20 17.79
CA LEU A 44 4.69 -0.58 18.10
C LEU A 44 5.21 -1.09 19.43
N GLU A 45 4.37 -1.05 20.45
CA GLU A 45 4.79 -1.49 21.77
C GLU A 45 5.02 -3.00 21.83
N ASN A 46 4.57 -3.73 20.81
CA ASN A 46 4.83 -5.15 20.69
C ASN A 46 6.08 -5.51 19.89
N THR A 47 6.73 -4.51 19.29
CA THR A 47 8.00 -4.75 18.60
C THR A 47 8.99 -5.34 19.59
N SER A 48 9.65 -6.42 19.20
CA SER A 48 10.59 -7.09 20.09
C SER A 48 11.84 -6.24 20.33
N ILE A 49 12.33 -6.28 21.57
CA ILE A 49 13.47 -5.48 21.97
C ILE A 49 14.69 -5.85 21.14
N SER A 50 15.18 -4.88 20.37
CA SER A 50 16.35 -5.11 19.54
C SER A 50 17.55 -5.52 20.41
N GLN A 51 18.10 -6.68 20.11
CA GLN A 51 19.26 -7.19 20.83
C GLN A 51 20.44 -7.21 19.88
N GLY A 52 21.65 -7.07 20.40
CA GLY A 52 22.83 -7.09 19.58
C GLY A 52 23.38 -5.72 19.23
N HIS A 53 24.61 -5.69 18.71
CA HIS A 53 25.26 -4.44 18.39
C HIS A 53 25.95 -4.54 17.03
N PRO A 54 25.36 -3.93 15.99
CA PRO A 54 24.10 -3.19 16.07
C PRO A 54 22.92 -4.16 16.06
N PRO A 55 21.71 -3.66 16.38
CA PRO A 55 20.56 -4.54 16.32
C PRO A 55 20.13 -4.72 14.87
N PRO A 56 19.47 -5.83 14.56
CA PRO A 56 18.92 -5.95 13.21
C PRO A 56 17.82 -4.90 12.99
N VAL A 57 17.55 -4.56 11.74
CA VAL A 57 16.43 -3.70 11.44
C VAL A 57 15.16 -4.40 11.91
N PRO A 58 14.33 -3.69 12.70
CA PRO A 58 13.11 -4.33 13.20
C PRO A 58 12.20 -4.82 12.06
N ARG A 59 11.52 -5.92 12.29
CA ARG A 59 10.52 -6.39 11.35
C ARG A 59 9.30 -5.47 11.45
N PRO A 60 8.76 -5.06 10.29
CA PRO A 60 7.51 -4.31 10.30
C PRO A 60 6.42 -5.14 10.95
N PRO A 61 5.50 -4.51 11.68
CA PRO A 61 4.40 -5.26 12.28
C PRO A 61 3.58 -6.01 11.23
N ARG A 62 2.96 -7.12 11.60
CA ARG A 62 2.16 -7.88 10.65
C ARG A 62 0.97 -7.05 10.15
N VAL A 63 0.45 -6.20 11.04
CA VAL A 63 -0.72 -5.40 10.74
C VAL A 63 -0.31 -3.95 10.53
N VAL A 64 -0.32 -3.52 9.27
CA VAL A 64 0.01 -2.16 8.89
C VAL A 64 -0.83 -1.80 7.67
N ASP A 65 -1.79 -0.90 7.84
CA ASP A 65 -2.56 -0.44 6.69
C ASP A 65 -1.68 0.47 5.85
N LYS A 66 -1.71 0.29 4.54
CA LYS A 66 -0.83 1.02 3.65
C LYS A 66 -1.64 1.66 2.52
N LEU A 67 -1.30 2.91 2.22
CA LEU A 67 -1.85 3.61 1.06
C LEU A 67 -0.68 4.30 0.38
N SER A 68 -0.40 3.93 -0.86
CA SER A 68 0.69 4.56 -1.61
C SER A 68 0.17 4.99 -2.97
N LEU A 69 0.26 6.29 -3.27
CA LEU A 69 -0.33 6.83 -4.49
C LEU A 69 0.63 7.77 -5.19
N CYS A 70 0.70 7.67 -6.51
CA CYS A 70 1.37 8.68 -7.32
C CYS A 70 0.35 9.73 -7.76
N ILE A 71 0.81 10.98 -7.84
CA ILE A 71 -0.05 12.13 -8.03
C ILE A 71 0.54 13.04 -9.09
N ALA A 72 -0.26 13.41 -10.09
CA ALA A 72 0.25 14.31 -11.13
C ALA A 72 0.29 15.73 -10.58
N PRO A 73 1.46 16.40 -10.69
CA PRO A 73 1.54 17.77 -10.20
C PRO A 73 1.12 18.77 -11.26
N GLY A 74 0.85 20.01 -10.86
CA GLY A 74 0.52 21.06 -11.81
C GLY A 74 1.73 21.70 -12.49
N LYS A 75 2.92 21.47 -11.93
CA LYS A 75 4.15 22.03 -12.50
C LYS A 75 5.18 20.92 -12.62
N ALA A 76 6.20 21.16 -13.45
CA ALA A 76 7.24 20.16 -13.68
C ALA A 76 8.04 19.91 -12.42
N CYS A 77 8.60 18.71 -12.30
CA CYS A 77 9.54 18.41 -11.24
C CYS A 77 10.86 19.13 -11.51
N SER A 78 11.52 19.57 -10.44
CA SER A 78 12.86 20.11 -10.55
C SER A 78 13.75 18.95 -10.99
N PRO A 79 14.89 19.26 -11.63
CA PRO A 79 15.73 18.20 -12.19
C PRO A 79 16.20 17.24 -11.12
N GLY A 80 16.63 17.76 -9.98
CA GLY A 80 17.10 16.93 -8.90
C GLY A 80 16.00 16.06 -8.33
N ALA A 81 14.79 16.63 -8.21
CA ALA A 81 13.67 15.87 -7.66
C ALA A 81 13.28 14.70 -8.58
N SER A 82 13.26 14.97 -9.88
CA SER A 82 12.94 13.92 -10.84
C SER A 82 14.01 12.83 -10.80
N GLU A 83 15.28 13.23 -10.77
CA GLU A 83 16.35 12.24 -10.70
C GLU A 83 16.24 11.33 -9.48
N ILE A 84 16.09 11.91 -8.30
CA ILE A 84 16.11 11.09 -7.09
C ILE A 84 14.84 10.28 -6.89
N THR A 85 13.69 10.79 -7.35
CA THR A 85 12.41 10.10 -7.10
C THR A 85 12.01 9.16 -8.22
N GLY A 86 12.61 9.31 -9.39
CA GLY A 86 12.25 8.50 -10.53
C GLY A 86 10.89 8.84 -11.12
N LEU A 87 10.35 10.00 -10.73
CA LEU A 87 9.07 10.47 -11.24
C LEU A 87 9.25 11.74 -12.06
N SER A 88 8.34 11.96 -12.99
CA SER A 88 8.28 13.21 -13.74
C SER A 88 6.81 13.54 -14.02
N LYS A 89 6.54 14.82 -14.21
CA LYS A 89 5.17 15.24 -14.54
C LYS A 89 4.71 14.49 -15.79
N ALA A 90 5.56 14.42 -16.79
CA ALA A 90 5.18 13.86 -18.08
C ALA A 90 4.80 12.39 -17.98
N GLU A 91 5.61 11.61 -17.26
CA GLU A 91 5.37 10.18 -17.15
C GLU A 91 4.14 9.91 -16.29
N LEU A 92 3.97 10.71 -15.23
CA LEU A 92 2.80 10.58 -14.38
C LEU A 92 1.53 10.82 -15.20
N GLU A 93 1.58 11.81 -16.08
CA GLU A 93 0.40 12.14 -16.90
C GLU A 93 0.15 11.07 -17.95
N VAL A 94 1.23 10.55 -18.52
CA VAL A 94 1.15 9.50 -19.50
C VAL A 94 0.44 8.30 -18.91
N GLN A 95 0.68 8.06 -17.62
CA GLN A 95 0.04 6.95 -16.94
C GLN A 95 -1.25 7.33 -16.26
N GLY A 96 -1.79 8.47 -16.65
CA GLY A 96 -3.13 8.87 -16.24
C GLY A 96 -3.27 9.10 -14.75
N ARG A 97 -2.17 9.46 -14.07
CA ARG A 97 -2.28 9.81 -12.65
C ARG A 97 -3.09 11.09 -12.48
N GLN A 98 -3.95 11.11 -11.47
CA GLN A 98 -4.80 12.28 -11.25
C GLN A 98 -4.13 13.30 -10.35
N ARG A 99 -4.64 14.53 -10.39
CA ARG A 99 -4.11 15.60 -9.56
C ARG A 99 -4.52 15.36 -8.11
N PHE A 100 -4.00 16.20 -7.23
CA PHE A 100 -4.44 16.22 -5.84
C PHE A 100 -5.81 16.87 -5.84
N ASP A 101 -6.87 16.07 -5.70
CA ASP A 101 -8.22 16.61 -5.91
C ASP A 101 -9.22 16.18 -4.83
N ASP A 102 -10.48 16.57 -5.00
CA ASP A 102 -11.50 16.27 -3.97
C ASP A 102 -11.67 14.77 -3.73
N ASN A 103 -11.65 13.98 -4.79
CA ASN A 103 -11.74 12.54 -4.64
C ASN A 103 -10.60 11.98 -3.79
N LEU A 104 -9.40 12.50 -3.98
CA LEU A 104 -8.28 12.10 -3.12
C LEU A 104 -8.54 12.42 -1.65
N ALA A 105 -9.15 13.57 -1.37
CA ALA A 105 -9.46 13.94 0.01
C ALA A 105 -10.47 12.97 0.62
N ILE A 106 -11.46 12.56 -0.17
CA ILE A 106 -12.44 11.56 0.24
C ILE A 106 -11.77 10.20 0.53
N LEU A 107 -10.85 9.81 -0.35
CA LEU A 107 -10.04 8.61 -0.14
C LEU A 107 -9.30 8.69 1.19
N LEU A 108 -8.57 9.79 1.40
CA LEU A 108 -7.83 9.96 2.64
C LEU A 108 -8.76 9.88 3.86
N ARG A 109 -9.92 10.54 3.76
CA ARG A 109 -10.86 10.53 4.88
C ARG A 109 -11.26 9.11 5.24
N ALA A 110 -11.57 8.31 4.23
CA ALA A 110 -12.05 6.95 4.47
C ALA A 110 -10.94 6.05 5.02
N PHE A 111 -9.71 6.27 4.56
CA PHE A 111 -8.57 5.53 5.07
C PHE A 111 -8.32 5.91 6.53
N LEU A 112 -8.36 7.20 6.83
CA LEU A 112 -8.16 7.65 8.21
C LEU A 112 -9.26 7.15 9.13
N GLN A 113 -10.46 7.07 8.61
CA GLN A 113 -11.61 6.64 9.39
C GLN A 113 -11.51 5.18 9.83
N ARG A 114 -10.72 4.37 9.11
CA ARG A 114 -10.51 2.98 9.51
C ARG A 114 -9.53 2.82 10.68
N GLN A 115 -8.91 3.91 11.13
CA GLN A 115 -7.90 3.83 12.18
C GLN A 115 -8.46 4.30 13.52
N PRO A 116 -8.10 3.59 14.60
CA PRO A 116 -8.54 4.01 15.94
C PRO A 116 -8.01 5.41 16.28
N GLN A 117 -8.84 6.20 16.95
CA GLN A 117 -8.47 7.56 17.35
C GLN A 117 -8.11 7.60 18.84
N PRO A 118 -7.34 8.61 19.26
CA PRO A 118 -6.75 9.63 18.39
C PRO A 118 -5.61 9.08 17.54
N CYS A 119 -5.31 9.79 16.47
CA CYS A 119 -4.33 9.33 15.50
C CYS A 119 -3.32 10.45 15.30
N CYS A 120 -2.06 10.07 15.10
CA CYS A 120 -0.98 11.05 14.98
C CYS A 120 -0.11 10.75 13.77
N LEU A 121 0.00 11.71 12.86
CA LEU A 121 0.90 11.62 11.73
C LEU A 121 2.34 11.77 12.22
N VAL A 122 3.24 11.02 11.61
CA VAL A 122 4.65 11.12 11.93
C VAL A 122 5.36 11.28 10.60
N ALA A 123 6.14 12.35 10.45
CA ALA A 123 6.90 12.57 9.21
C ALA A 123 8.25 13.17 9.52
N HIS A 124 9.25 12.80 8.71
CA HIS A 124 10.62 13.19 9.00
C HIS A 124 10.94 14.59 8.45
N ASN A 125 11.17 15.53 9.38
CA ASN A 125 11.17 16.97 9.08
C ASN A 125 9.76 17.41 8.69
N GLY A 126 8.77 16.67 9.18
CA GLY A 126 7.38 16.97 8.89
C GLY A 126 6.98 18.39 9.25
N ASP A 127 7.53 18.93 10.34
CA ASP A 127 7.11 20.25 10.77
C ASP A 127 7.51 21.35 9.78
N ARG A 128 8.58 21.09 9.02
CA ARG A 128 9.05 22.06 8.03
C ARG A 128 8.74 21.64 6.59
N TYR A 129 8.35 20.39 6.38
CA TYR A 129 8.12 19.97 5.00
C TYR A 129 6.75 19.33 4.79
N ASP A 130 6.60 18.05 5.15
CA ASP A 130 5.37 17.33 4.78
C ASP A 130 4.09 17.97 5.30
N PHE A 131 4.10 18.40 6.56
CA PHE A 131 2.85 18.91 7.14
C PHE A 131 2.41 20.23 6.48
N PRO A 132 3.30 21.22 6.40
CA PRO A 132 2.92 22.45 5.68
C PRO A 132 2.54 22.21 4.23
N LEU A 133 3.25 21.31 3.54
CA LEU A 133 2.97 21.04 2.14
C LEU A 133 1.61 20.39 2.00
N LEU A 134 1.34 19.37 2.81
CA LEU A 134 0.05 18.71 2.78
C LEU A 134 -1.07 19.70 3.12
N GLN A 135 -0.82 20.58 4.09
CA GLN A 135 -1.80 21.61 4.41
C GLN A 135 -2.08 22.52 3.20
N THR A 136 -1.04 22.88 2.48
CA THR A 136 -1.22 23.67 1.26
C THR A 136 -2.08 22.92 0.24
N GLU A 137 -1.75 21.66 -0.02
CA GLU A 137 -2.49 20.89 -1.02
C GLU A 137 -3.97 20.79 -0.63
N LEU A 138 -4.25 20.53 0.64
CA LEU A 138 -5.65 20.35 1.06
C LEU A 138 -6.42 21.67 1.02
N ALA A 139 -5.71 22.77 1.24
CA ALA A 139 -6.35 24.09 1.26
C ALA A 139 -6.90 24.47 -0.11
N ARG A 140 -6.37 23.87 -1.17
CA ARG A 140 -6.85 24.15 -2.52
C ARG A 140 -8.21 23.55 -2.80
N LEU A 141 -8.63 22.59 -1.98
CA LEU A 141 -9.85 21.82 -2.22
C LEU A 141 -11.08 22.40 -1.51
N SER A 142 -12.25 22.17 -2.09
CA SER A 142 -13.49 22.58 -1.44
C SER A 142 -13.85 21.64 -0.29
N THR A 143 -13.52 20.37 -0.45
CA THR A 143 -13.72 19.38 0.60
C THR A 143 -13.06 19.85 1.89
N PRO A 144 -13.80 19.79 3.01
CA PRO A 144 -13.20 20.11 4.31
C PRO A 144 -12.00 19.20 4.59
N SER A 145 -10.94 19.72 5.19
CA SER A 145 -9.74 18.92 5.38
C SER A 145 -10.02 17.64 6.16
N PRO A 146 -9.61 16.49 5.61
CA PRO A 146 -9.74 15.22 6.33
C PRO A 146 -8.86 15.14 7.58
N LEU A 147 -7.93 16.07 7.75
CA LEU A 147 -6.98 15.98 8.84
C LEU A 147 -7.28 16.91 10.04
N ASP A 148 -8.43 17.57 10.02
CA ASP A 148 -8.76 18.55 11.07
C ASP A 148 -8.91 18.00 12.50
N GLY A 149 -8.98 16.68 12.65
CA GLY A 149 -9.05 16.09 13.98
C GLY A 149 -7.86 15.20 14.28
N THR A 150 -6.88 15.24 13.38
CA THR A 150 -5.71 14.37 13.47
C THR A 150 -4.55 15.14 14.07
N PHE A 151 -3.63 14.45 14.74
CA PHE A 151 -2.49 15.12 15.34
C PHE A 151 -1.24 14.85 14.50
N CYS A 152 -0.14 15.51 14.84
CA CYS A 152 1.10 15.29 14.12
C CYS A 152 2.33 15.54 14.98
N VAL A 153 3.44 14.86 14.67
CA VAL A 153 4.74 15.11 15.29
C VAL A 153 5.83 14.92 14.25
N ASP A 154 6.98 15.52 14.53
CA ASP A 154 8.13 15.44 13.65
C ASP A 154 9.11 14.40 14.20
N SER A 155 9.46 13.42 13.39
CA SER A 155 10.34 12.36 13.87
C SER A 155 11.80 12.79 14.06
N ILE A 156 12.18 13.94 13.52
CA ILE A 156 13.53 14.44 13.81
C ILE A 156 13.61 14.85 15.28
N ALA A 157 12.64 15.62 15.73
CA ALA A 157 12.57 15.97 17.15
C ALA A 157 12.52 14.70 18.00
N ALA A 158 11.70 13.73 17.60
CA ALA A 158 11.58 12.49 18.36
C ALA A 158 12.93 11.79 18.51
N LEU A 159 13.62 11.58 17.40
CA LEU A 159 14.87 10.83 17.44
C LEU A 159 15.98 11.60 18.16
N LYS A 160 15.97 12.93 18.05
CA LYS A 160 16.91 13.73 18.82
C LYS A 160 16.74 13.47 20.31
N ALA A 161 15.48 13.44 20.74
CA ALA A 161 15.19 13.18 22.14
C ALA A 161 15.59 11.76 22.53
N LEU A 162 15.19 10.77 21.72
CA LEU A 162 15.53 9.39 22.01
C LEU A 162 17.04 9.16 22.06
N GLU A 163 17.75 9.67 21.06
CA GLU A 163 19.20 9.51 21.02
C GLU A 163 19.87 10.22 22.19
N GLN A 164 19.36 11.40 22.53
CA GLN A 164 19.89 12.16 23.66
C GLN A 164 19.80 11.37 24.95
N ALA A 165 18.69 10.69 25.15
CA ALA A 165 18.48 9.92 26.37
C ALA A 165 19.34 8.66 26.39
N SER A 166 19.70 8.18 25.19
CA SER A 166 20.44 6.93 25.06
C SER A 166 21.94 7.13 25.15
N SER A 167 22.39 8.32 24.78
CA SER A 167 23.82 8.63 24.83
C SER A 167 24.00 10.12 25.08
N PRO A 168 23.99 10.52 26.35
CA PRO A 168 24.16 11.91 26.76
C PRO A 168 25.53 12.46 26.35
N LYS A 175 26.55 15.07 14.48
CA LYS A 175 25.48 14.11 14.23
C LYS A 175 24.44 14.67 13.28
N SER A 176 24.21 13.98 12.18
CA SER A 176 23.14 14.35 11.27
C SER A 176 21.87 13.60 11.65
N TYR A 177 20.73 14.26 11.46
CA TYR A 177 19.44 13.65 11.74
C TYR A 177 18.63 13.51 10.46
N SER A 178 19.32 13.48 9.34
CA SER A 178 18.66 13.11 8.08
C SER A 178 18.19 11.67 8.22
N LEU A 179 17.19 11.28 7.45
CA LEU A 179 16.60 9.96 7.54
C LEU A 179 17.65 8.87 7.38
N GLY A 180 18.48 9.00 6.34
CA GLY A 180 19.49 8.00 6.04
C GLY A 180 20.61 7.96 7.06
N SER A 181 21.04 9.13 7.53
CA SER A 181 22.06 9.19 8.56
C SER A 181 21.60 8.46 9.82
N ILE A 182 20.35 8.67 10.23
CA ILE A 182 19.84 8.00 11.42
C ILE A 182 19.79 6.49 11.20
N TYR A 183 19.25 6.06 10.06
CA TYR A 183 19.08 4.63 9.79
C TYR A 183 20.42 3.92 9.85
N THR A 184 21.42 4.52 9.22
CA THR A 184 22.75 3.91 9.18
C THR A 184 23.44 3.93 10.55
N ARG A 185 23.24 5.01 11.31
CA ARG A 185 23.77 5.09 12.66
C ARG A 185 23.20 3.98 13.54
N LEU A 186 21.89 3.79 13.47
CA LEU A 186 21.20 2.80 14.30
C LEU A 186 21.48 1.36 13.88
N TYR A 187 21.50 1.13 12.57
CA TYR A 187 21.43 -0.23 12.04
C TYR A 187 22.60 -0.66 11.17
N TRP A 188 23.48 0.27 10.82
CA TRP A 188 24.66 -0.04 10.01
C TRP A 188 24.28 -0.71 8.69
N GLN A 189 23.16 -0.27 8.12
CA GLN A 189 22.74 -0.74 6.81
C GLN A 189 22.34 0.48 6.01
N ALA A 190 22.34 0.35 4.69
CA ALA A 190 21.93 1.45 3.84
C ALA A 190 20.45 1.33 3.54
N PRO A 191 19.72 2.46 3.62
CA PRO A 191 18.28 2.47 3.32
C PRO A 191 18.05 1.97 1.90
N THR A 192 16.94 1.30 1.67
CA THR A 192 16.62 0.83 0.32
C THR A 192 15.48 1.68 -0.25
N ASP A 193 15.43 1.77 -1.58
CA ASP A 193 14.39 2.54 -2.28
C ASP A 193 14.24 3.98 -1.75
N SER A 194 15.36 4.64 -1.55
CA SER A 194 15.37 6.03 -1.12
C SER A 194 14.59 6.89 -2.10
N HIS A 195 13.90 7.89 -1.55
CA HIS A 195 13.10 8.82 -2.34
C HIS A 195 12.00 8.19 -3.18
N THR A 196 11.53 7.03 -2.74
CA THR A 196 10.18 6.59 -3.07
C THR A 196 9.39 6.81 -1.78
N ALA A 197 8.13 7.22 -1.90
CA ALA A 197 7.36 7.54 -0.70
C ALA A 197 7.25 6.32 0.22
N GLU A 198 6.98 5.15 -0.35
CA GLU A 198 6.89 3.95 0.48
C GLU A 198 8.25 3.51 1.01
N GLY A 199 9.28 3.50 0.18
CA GLY A 199 10.60 3.09 0.68
C GLY A 199 11.05 3.90 1.90
N ASP A 200 10.95 5.21 1.79
CA ASP A 200 11.37 6.09 2.88
C ASP A 200 10.41 6.08 4.06
N ASP A 201 9.12 5.83 3.81
CA ASP A 201 8.18 5.66 4.90
C ASP A 201 8.53 4.40 5.69
N LEU A 202 8.90 3.33 4.98
CA LEU A 202 9.29 2.10 5.67
C LEU A 202 10.58 2.31 6.48
N THR A 203 11.51 3.08 5.95
CA THR A 203 12.73 3.38 6.68
C THR A 203 12.43 4.17 7.95
N LEU A 204 11.52 5.13 7.83
CA LEU A 204 11.07 5.92 8.98
C LEU A 204 10.43 5.00 10.02
N LEU A 205 9.53 4.12 9.57
CA LEU A 205 8.95 3.15 10.50
C LEU A 205 10.04 2.39 11.25
N SER A 206 11.07 1.95 10.51
CA SER A 206 12.16 1.19 11.13
C SER A 206 12.87 1.98 12.22
N ILE A 207 13.16 3.24 11.95
CA ILE A 207 13.85 4.06 12.95
C ILE A 207 12.94 4.31 14.16
N CYS A 208 11.63 4.43 13.92
CA CYS A 208 10.72 4.64 15.03
C CYS A 208 10.52 3.38 15.85
N GLN A 209 10.86 2.24 15.26
CA GLN A 209 10.82 0.97 15.99
C GLN A 209 12.09 0.64 16.77
N TRP A 210 13.10 1.51 16.68
CA TRP A 210 14.35 1.31 17.39
C TRP A 210 14.13 1.19 18.90
N LYS A 211 13.37 2.13 19.46
CA LYS A 211 12.96 2.09 20.88
C LYS A 211 11.48 2.45 20.95
N PRO A 212 10.62 1.46 20.70
CA PRO A 212 9.19 1.69 20.46
C PRO A 212 8.47 2.35 21.63
N GLN A 213 8.76 1.89 22.85
CA GLN A 213 8.13 2.43 24.05
C GLN A 213 8.47 3.90 24.23
N ALA A 214 9.76 4.20 24.15
CA ALA A 214 10.25 5.57 24.31
C ALA A 214 9.67 6.48 23.23
N LEU A 215 9.61 5.96 22.01
CA LEU A 215 9.05 6.75 20.91
C LEU A 215 7.57 7.08 21.14
N LEU A 216 6.79 6.09 21.57
CA LEU A 216 5.36 6.32 21.82
C LEU A 216 5.17 7.32 22.94
N GLN A 217 6.02 7.23 23.95
CA GLN A 217 5.94 8.13 25.07
C GLN A 217 6.17 9.56 24.58
N TRP A 218 7.21 9.74 23.76
CA TRP A 218 7.52 11.07 23.26
C TRP A 218 6.41 11.60 22.36
N VAL A 219 5.88 10.73 21.52
CA VAL A 219 4.80 11.13 20.61
C VAL A 219 3.58 11.61 21.39
N ASP A 220 3.15 10.83 22.38
CA ASP A 220 2.02 11.22 23.22
C ASP A 220 2.25 12.58 23.87
N GLU A 221 3.50 12.85 24.25
CA GLU A 221 3.83 14.08 24.94
C GLU A 221 3.85 15.29 24.00
N HIS A 222 4.13 15.05 22.71
CA HIS A 222 4.39 16.15 21.79
C HIS A 222 3.40 16.29 20.65
N ALA A 223 2.45 15.36 20.57
CA ALA A 223 1.41 15.43 19.55
C ALA A 223 0.73 16.79 19.57
N ARG A 224 0.53 17.38 18.40
CA ARG A 224 -0.22 18.64 18.31
C ARG A 224 -1.19 18.58 17.15
N PRO A 225 -2.27 19.37 17.21
CA PRO A 225 -3.29 19.26 16.14
C PRO A 225 -2.75 19.64 14.76
N PHE A 226 -3.07 18.84 13.74
CA PHE A 226 -2.63 19.14 12.38
C PHE A 226 -3.27 20.44 11.92
N SER A 227 -4.41 20.77 12.51
CA SER A 227 -5.13 21.98 12.15
C SER A 227 -4.33 23.25 12.46
N THR A 228 -3.31 23.14 13.30
CA THR A 228 -2.49 24.29 13.68
C THR A 228 -1.28 24.45 12.77
N VAL A 229 -1.08 23.52 11.85
CA VAL A 229 0.04 23.62 10.93
C VAL A 229 -0.24 24.68 9.88
N LYS A 230 0.69 25.61 9.71
CA LYS A 230 0.56 26.67 8.70
C LYS A 230 0.92 26.13 7.31
N PRO A 231 0.13 26.51 6.30
CA PRO A 231 0.43 26.11 4.93
C PRO A 231 1.83 26.53 4.54
N MET A 232 2.52 25.71 3.74
CA MET A 232 3.86 26.05 3.27
C MET A 232 3.83 27.36 2.47
N TYR A 233 2.82 27.47 1.61
CA TYR A 233 2.63 28.69 0.83
C TYR A 233 1.14 28.85 0.51
N GLY A 234 0.73 30.05 0.10
CA GLY A 234 -0.68 30.35 -0.09
C GLY A 234 -1.17 30.05 -1.50
N LEU B 6 -12.16 -7.13 -29.41
CA LEU B 6 -12.02 -7.28 -27.96
C LEU B 6 -13.36 -7.06 -27.28
N PRO B 7 -13.71 -7.93 -26.32
CA PRO B 7 -15.06 -7.90 -25.73
C PRO B 7 -15.34 -6.62 -24.94
N HIS B 8 -14.31 -5.98 -24.42
CA HIS B 8 -14.52 -4.82 -23.56
C HIS B 8 -13.43 -3.76 -23.72
N GLY B 9 -12.84 -3.69 -24.91
CA GLY B 9 -11.79 -2.72 -25.19
C GLY B 9 -10.44 -3.06 -24.56
N HIS B 10 -9.48 -2.15 -24.68
CA HIS B 10 -8.18 -2.32 -24.05
C HIS B 10 -8.24 -1.88 -22.59
N MET B 11 -7.81 -2.75 -21.69
CA MET B 11 -7.80 -2.42 -20.27
C MET B 11 -6.68 -1.42 -20.03
N GLN B 12 -7.00 -0.31 -19.37
CA GLN B 12 -5.99 0.72 -19.12
C GLN B 12 -5.24 0.51 -17.80
N THR B 13 -5.92 -0.14 -16.85
CA THR B 13 -5.31 -0.45 -15.55
C THR B 13 -5.55 -1.90 -15.23
N LEU B 14 -4.48 -2.60 -14.83
CA LEU B 14 -4.63 -3.90 -14.20
C LEU B 14 -4.52 -3.71 -12.69
N ILE B 15 -5.48 -4.22 -11.94
CA ILE B 15 -5.42 -4.14 -10.50
C ILE B 15 -5.21 -5.54 -9.93
N PHE B 16 -4.00 -5.80 -9.47
CA PHE B 16 -3.70 -7.10 -8.89
C PHE B 16 -4.30 -7.17 -7.50
N LEU B 17 -5.18 -8.15 -7.31
CA LEU B 17 -5.96 -8.31 -6.08
C LEU B 17 -5.52 -9.57 -5.37
N ASP B 18 -5.31 -9.47 -4.05
CA ASP B 18 -5.14 -10.68 -3.25
C ASP B 18 -5.85 -10.49 -1.92
N LEU B 19 -6.50 -11.55 -1.44
CA LEU B 19 -7.18 -11.51 -0.16
C LEU B 19 -6.61 -12.56 0.78
N GLU B 20 -6.56 -12.25 2.08
CA GLU B 20 -6.51 -13.33 3.06
C GLU B 20 -7.90 -13.40 3.70
N ALA B 21 -8.21 -14.55 4.28
CA ALA B 21 -9.56 -14.75 4.81
C ALA B 21 -9.55 -15.77 5.94
N THR B 22 -10.72 -15.98 6.54
CA THR B 22 -10.83 -16.87 7.70
C THR B 22 -10.65 -18.35 7.32
N GLY B 23 -10.79 -18.65 6.04
CA GLY B 23 -10.71 -20.03 5.57
C GLY B 23 -11.05 -20.22 4.11
N LEU B 24 -11.34 -21.47 3.75
CA LEU B 24 -11.63 -21.85 2.37
C LEU B 24 -13.13 -21.82 2.08
N PRO B 25 -13.50 -21.93 0.80
CA PRO B 25 -14.92 -21.70 0.45
C PRO B 25 -15.94 -22.44 1.29
N SER B 26 -15.78 -23.75 1.52
CA SER B 26 -16.82 -24.49 2.24
C SER B 26 -17.10 -23.95 3.64
N SER B 27 -16.24 -23.04 4.11
CA SER B 27 -16.38 -22.54 5.48
C SER B 27 -17.14 -21.22 5.57
N ARG B 28 -17.65 -20.73 4.43
CA ARG B 28 -18.26 -19.41 4.35
C ARG B 28 -17.29 -18.38 4.91
N PRO B 29 -16.12 -18.23 4.27
CA PRO B 29 -15.04 -17.42 4.86
C PRO B 29 -15.32 -15.93 4.79
N GLU B 30 -14.64 -15.18 5.65
CA GLU B 30 -14.72 -13.72 5.63
C GLU B 30 -13.32 -13.14 5.43
N VAL B 31 -13.25 -12.05 4.68
CA VAL B 31 -11.98 -11.42 4.36
C VAL B 31 -11.31 -10.82 5.59
N THR B 32 -10.00 -11.06 5.74
CA THR B 32 -9.21 -10.52 6.84
C THR B 32 -8.10 -9.57 6.36
N GLU B 33 -7.76 -9.62 5.08
CA GLU B 33 -6.75 -8.72 4.52
C GLU B 33 -7.02 -8.56 3.05
N LEU B 34 -6.81 -7.35 2.54
CA LEU B 34 -7.06 -7.08 1.14
C LEU B 34 -5.92 -6.22 0.62
N CYS B 35 -5.37 -6.57 -0.53
CA CYS B 35 -4.35 -5.73 -1.15
C CYS B 35 -4.69 -5.49 -2.61
N LEU B 36 -4.60 -4.24 -3.04
CA LEU B 36 -4.72 -3.87 -4.44
C LEU B 36 -3.40 -3.26 -4.89
N LEU B 37 -2.90 -3.70 -6.06
CA LEU B 37 -1.76 -3.07 -6.72
C LEU B 37 -2.26 -2.62 -8.09
N ALA B 38 -2.43 -1.31 -8.27
CA ALA B 38 -3.00 -0.82 -9.52
C ALA B 38 -1.87 -0.33 -10.41
N VAL B 39 -1.78 -0.93 -11.60
CA VAL B 39 -0.67 -0.69 -12.51
C VAL B 39 -1.23 -0.28 -13.87
N HIS B 40 -0.78 0.84 -14.40
CA HIS B 40 -1.23 1.27 -15.71
C HIS B 40 -0.67 0.33 -16.77
N ARG B 41 -1.42 0.10 -17.85
CA ARG B 41 -0.92 -0.82 -18.87
C ARG B 41 0.45 -0.41 -19.41
N ARG B 42 0.70 0.88 -19.57
CA ARG B 42 2.00 1.33 -20.03
C ARG B 42 3.14 0.90 -19.09
N ALA B 43 2.84 0.92 -17.79
CA ALA B 43 3.83 0.63 -16.76
C ALA B 43 4.27 -0.82 -16.84
N LEU B 44 3.30 -1.71 -17.11
CA LEU B 44 3.63 -3.10 -17.28
C LEU B 44 4.55 -3.24 -18.49
N GLU B 45 4.22 -2.51 -19.55
CA GLU B 45 5.02 -2.53 -20.78
C GLU B 45 6.41 -1.93 -20.57
N ASN B 46 6.54 -1.05 -19.59
CA ASN B 46 7.82 -0.42 -19.25
C ASN B 46 8.81 -1.40 -18.63
N THR B 47 8.30 -2.58 -18.25
CA THR B 47 9.13 -3.63 -17.70
C THR B 47 10.28 -3.90 -18.66
N SER B 48 11.50 -3.78 -18.17
CA SER B 48 12.67 -4.03 -19.00
C SER B 48 12.70 -5.50 -19.42
N ILE B 49 13.07 -5.76 -20.66
CA ILE B 49 13.12 -7.13 -21.15
C ILE B 49 14.49 -7.74 -20.84
N SER B 50 14.48 -8.83 -20.08
CA SER B 50 15.71 -9.54 -19.76
C SER B 50 15.90 -10.70 -20.70
N GLN B 51 17.14 -10.92 -21.14
CA GLN B 51 17.44 -12.06 -21.98
C GLN B 51 18.38 -13.04 -21.27
N GLY B 52 18.23 -13.14 -19.96
CA GLY B 52 18.95 -14.14 -19.20
C GLY B 52 18.13 -15.41 -19.07
N HIS B 53 18.78 -16.50 -18.67
CA HIS B 53 18.11 -17.76 -18.41
C HIS B 53 18.61 -18.33 -17.09
N PRO B 54 17.76 -18.33 -16.06
CA PRO B 54 16.41 -17.75 -16.07
C PRO B 54 16.49 -16.23 -16.01
N PRO B 55 15.40 -15.54 -16.37
CA PRO B 55 15.45 -14.09 -16.22
C PRO B 55 15.39 -13.74 -14.74
N PRO B 56 15.95 -12.59 -14.34
CA PRO B 56 15.82 -12.16 -12.95
C PRO B 56 14.37 -11.77 -12.66
N VAL B 57 13.97 -11.83 -11.40
CA VAL B 57 12.61 -11.40 -11.07
C VAL B 57 12.52 -9.91 -11.40
N PRO B 58 11.52 -9.53 -12.20
CA PRO B 58 11.38 -8.13 -12.65
C PRO B 58 11.15 -7.18 -11.49
N ARG B 59 11.68 -5.95 -11.59
CA ARG B 59 11.36 -4.93 -10.61
C ARG B 59 9.90 -4.52 -10.79
N PRO B 60 9.17 -4.28 -9.70
CA PRO B 60 7.84 -3.72 -9.88
C PRO B 60 7.95 -2.39 -10.60
N PRO B 61 6.91 -2.00 -11.36
CA PRO B 61 6.97 -0.67 -12.00
C PRO B 61 7.10 0.43 -10.95
N ARG B 62 7.70 1.56 -11.35
CA ARG B 62 7.89 2.69 -10.44
C ARG B 62 6.54 3.23 -10.01
N VAL B 63 5.61 3.31 -10.96
CA VAL B 63 4.28 3.82 -10.67
C VAL B 63 3.31 2.67 -10.39
N VAL B 64 3.00 2.45 -9.12
CA VAL B 64 2.05 1.40 -8.71
C VAL B 64 1.26 1.91 -7.50
N ASP B 65 -0.03 2.20 -7.67
CA ASP B 65 -0.82 2.60 -6.52
C ASP B 65 -1.11 1.39 -5.65
N LYS B 66 -0.99 1.55 -4.34
CA LYS B 66 -1.14 0.41 -3.43
C LYS B 66 -2.15 0.72 -2.34
N LEU B 67 -3.00 -0.26 -2.04
CA LEU B 67 -3.90 -0.19 -0.91
C LEU B 67 -3.84 -1.53 -0.22
N SER B 68 -3.38 -1.57 1.02
CA SER B 68 -3.30 -2.84 1.74
C SER B 68 -3.94 -2.64 3.10
N LEU B 69 -4.96 -3.44 3.41
CA LEU B 69 -5.75 -3.23 4.62
C LEU B 69 -6.02 -4.53 5.35
N CYS B 70 -5.90 -4.48 6.68
CA CYS B 70 -6.36 -5.59 7.52
C CYS B 70 -7.78 -5.33 8.00
N ILE B 71 -8.55 -6.41 8.13
CA ILE B 71 -9.99 -6.33 8.32
C ILE B 71 -10.41 -7.37 9.36
N ALA B 72 -11.14 -6.92 10.38
CA ALA B 72 -11.65 -7.84 11.41
C ALA B 72 -12.85 -8.61 10.86
N PRO B 73 -12.83 -9.95 10.97
CA PRO B 73 -13.94 -10.78 10.53
C PRO B 73 -14.96 -10.90 11.64
N GLY B 74 -16.16 -11.34 11.29
CA GLY B 74 -17.24 -11.47 12.26
C GLY B 74 -17.26 -12.82 12.94
N LYS B 75 -16.28 -13.66 12.65
CA LYS B 75 -16.10 -14.94 13.34
C LYS B 75 -14.63 -15.26 13.38
N ALA B 76 -14.25 -16.26 14.15
CA ALA B 76 -12.83 -16.59 14.30
C ALA B 76 -12.23 -17.06 12.98
N CYS B 77 -10.94 -16.83 12.82
CA CYS B 77 -10.23 -17.45 11.73
C CYS B 77 -10.11 -18.95 12.01
N SER B 78 -10.21 -19.76 10.96
CA SER B 78 -9.92 -21.18 11.12
C SER B 78 -8.46 -21.30 11.56
N PRO B 79 -8.16 -22.31 12.40
CA PRO B 79 -6.80 -22.46 12.93
C PRO B 79 -5.76 -22.55 11.82
N GLY B 80 -6.11 -23.25 10.73
CA GLY B 80 -5.18 -23.40 9.64
C GLY B 80 -4.91 -22.06 8.98
N ALA B 81 -5.97 -21.29 8.74
CA ALA B 81 -5.83 -20.00 8.10
C ALA B 81 -5.02 -19.04 8.98
N SER B 82 -5.27 -19.08 10.28
CA SER B 82 -4.52 -18.23 11.19
C SER B 82 -3.03 -18.55 11.17
N GLU B 83 -2.68 -19.83 11.16
CA GLU B 83 -1.27 -20.21 11.11
C GLU B 83 -0.63 -19.77 9.80
N ILE B 84 -1.32 -20.00 8.69
CA ILE B 84 -0.77 -19.69 7.38
C ILE B 84 -0.60 -18.18 7.17
N THR B 85 -1.59 -17.39 7.60
CA THR B 85 -1.62 -15.95 7.33
C THR B 85 -0.96 -15.07 8.38
N GLY B 86 -0.76 -15.60 9.59
CA GLY B 86 -0.22 -14.80 10.66
C GLY B 86 -1.25 -13.81 11.20
N LEU B 87 -2.52 -14.02 10.85
CA LEU B 87 -3.61 -13.18 11.33
C LEU B 87 -4.60 -13.97 12.20
N SER B 88 -5.13 -13.31 13.21
CA SER B 88 -6.20 -13.90 14.00
C SER B 88 -7.24 -12.84 14.33
N LYS B 89 -8.47 -13.24 14.57
CA LYS B 89 -9.50 -12.27 14.94
C LYS B 89 -9.06 -11.52 16.21
N ALA B 90 -8.49 -12.23 17.18
CA ALA B 90 -8.07 -11.59 18.42
C ALA B 90 -7.03 -10.51 18.17
N GLU B 91 -6.04 -10.78 17.34
CA GLU B 91 -5.00 -9.79 17.11
C GLU B 91 -5.49 -8.63 16.23
N LEU B 92 -6.36 -8.95 15.27
CA LEU B 92 -6.98 -7.90 14.46
C LEU B 92 -7.79 -6.98 15.36
N GLU B 93 -8.48 -7.57 16.33
CA GLU B 93 -9.29 -6.76 17.24
C GLU B 93 -8.46 -5.97 18.28
N VAL B 94 -7.39 -6.55 18.79
CA VAL B 94 -6.53 -5.81 19.71
C VAL B 94 -6.01 -4.57 19.01
N GLN B 95 -5.84 -4.67 17.69
CA GLN B 95 -5.28 -3.56 16.94
C GLN B 95 -6.33 -2.69 16.26
N GLY B 96 -7.56 -2.83 16.73
CA GLY B 96 -8.65 -1.94 16.37
C GLY B 96 -9.09 -2.01 14.92
N ARG B 97 -8.86 -3.14 14.24
CA ARG B 97 -9.34 -3.26 12.85
C ARG B 97 -10.84 -3.29 12.77
N GLN B 98 -11.37 -2.58 11.78
CA GLN B 98 -12.80 -2.51 11.53
C GLN B 98 -13.26 -3.61 10.58
N ARG B 99 -14.56 -3.83 10.54
CA ARG B 99 -15.14 -4.87 9.68
C ARG B 99 -15.13 -4.44 8.23
N PHE B 100 -15.54 -5.35 7.37
CA PHE B 100 -15.76 -5.04 5.97
C PHE B 100 -17.10 -4.30 5.95
N ASP B 101 -17.04 -2.98 5.86
CA ASP B 101 -18.24 -2.19 6.07
C ASP B 101 -18.43 -1.13 4.98
N ASP B 102 -19.46 -0.31 5.12
CA ASP B 102 -19.75 0.69 4.09
C ASP B 102 -18.57 1.63 3.88
N ASN B 103 -17.90 2.03 4.95
CA ASN B 103 -16.76 2.92 4.79
C ASN B 103 -15.66 2.29 3.97
N LEU B 104 -15.46 0.98 4.15
CA LEU B 104 -14.47 0.27 3.35
C LEU B 104 -14.85 0.35 1.88
N ALA B 105 -16.11 0.19 1.56
CA ALA B 105 -16.54 0.30 0.16
C ALA B 105 -16.30 1.71 -0.39
N ILE B 106 -16.52 2.72 0.44
CA ILE B 106 -16.26 4.10 0.04
C ILE B 106 -14.77 4.30 -0.23
N LEU B 107 -13.93 3.72 0.63
CA LEU B 107 -12.48 3.77 0.44
C LEU B 107 -12.09 3.08 -0.86
N LEU B 108 -12.64 1.90 -1.11
CA LEU B 108 -12.33 1.17 -2.34
C LEU B 108 -12.77 1.98 -3.55
N ARG B 109 -13.96 2.55 -3.48
CA ARG B 109 -14.50 3.33 -4.58
C ARG B 109 -13.60 4.51 -4.94
N ALA B 110 -13.13 5.23 -3.92
CA ALA B 110 -12.30 6.40 -4.15
C ALA B 110 -10.94 6.00 -4.70
N PHE B 111 -10.41 4.87 -4.25
CA PHE B 111 -9.14 4.36 -4.77
C PHE B 111 -9.31 3.95 -6.23
N LEU B 112 -10.41 3.26 -6.55
CA LEU B 112 -10.61 2.81 -7.92
C LEU B 112 -10.77 4.00 -8.87
N GLN B 113 -11.37 5.08 -8.39
CA GLN B 113 -11.55 6.27 -9.24
C GLN B 113 -10.24 6.92 -9.68
N ARG B 114 -9.19 6.76 -8.87
CA ARG B 114 -7.90 7.31 -9.27
C ARG B 114 -7.26 6.53 -10.41
N GLN B 115 -7.83 5.38 -10.77
CA GLN B 115 -7.23 4.57 -11.82
C GLN B 115 -7.85 4.86 -13.20
N PRO B 116 -7.00 5.03 -14.22
CA PRO B 116 -7.53 5.19 -15.58
C PRO B 116 -8.36 3.98 -15.98
N GLN B 117 -9.49 4.22 -16.65
CA GLN B 117 -10.47 3.19 -16.96
C GLN B 117 -10.40 2.78 -18.42
N PRO B 118 -10.80 1.54 -18.75
CA PRO B 118 -11.33 0.53 -17.82
C PRO B 118 -10.23 -0.15 -16.98
N CYS B 119 -10.63 -0.64 -15.82
CA CYS B 119 -9.77 -1.41 -14.91
C CYS B 119 -10.14 -2.88 -14.99
N CYS B 120 -9.13 -3.73 -14.82
CA CYS B 120 -9.40 -5.16 -14.78
C CYS B 120 -8.70 -5.74 -13.56
N LEU B 121 -9.47 -6.34 -12.66
CA LEU B 121 -8.92 -7.03 -11.51
C LEU B 121 -8.25 -8.33 -12.00
N VAL B 122 -7.12 -8.67 -11.40
CA VAL B 122 -6.39 -9.90 -11.71
C VAL B 122 -6.14 -10.57 -10.36
N ALA B 123 -6.61 -11.80 -10.20
CA ALA B 123 -6.36 -12.53 -8.96
C ALA B 123 -6.13 -14.01 -9.28
N HIS B 124 -5.29 -14.65 -8.47
CA HIS B 124 -4.87 -16.01 -8.73
C HIS B 124 -5.88 -17.03 -8.18
N ASN B 125 -6.55 -17.73 -9.09
CA ASN B 125 -7.75 -18.50 -8.75
C ASN B 125 -8.89 -17.56 -8.40
N GLY B 126 -8.81 -16.34 -8.90
CA GLY B 126 -9.82 -15.34 -8.61
C GLY B 126 -11.22 -15.79 -9.00
N ASP B 127 -11.34 -16.54 -10.10
CA ASP B 127 -12.67 -16.97 -10.54
C ASP B 127 -13.35 -17.88 -9.53
N ARG B 128 -12.55 -18.64 -8.78
CA ARG B 128 -13.11 -19.57 -7.81
C ARG B 128 -12.98 -19.11 -6.37
N TYR B 129 -12.21 -18.05 -6.14
CA TYR B 129 -11.99 -17.61 -4.76
C TYR B 129 -12.18 -16.11 -4.54
N ASP B 130 -11.20 -15.29 -4.91
CA ASP B 130 -11.28 -13.87 -4.57
C ASP B 130 -12.48 -13.13 -5.14
N PHE B 131 -12.85 -13.41 -6.38
CA PHE B 131 -13.94 -12.62 -6.98
C PHE B 131 -15.28 -12.95 -6.33
N PRO B 132 -15.65 -14.24 -6.26
CA PRO B 132 -16.90 -14.57 -5.55
C PRO B 132 -16.91 -14.12 -4.09
N LEU B 133 -15.77 -14.22 -3.40
CA LEU B 133 -15.73 -13.79 -2.01
C LEU B 133 -15.94 -12.28 -1.88
N LEU B 134 -15.23 -11.49 -2.70
CA LEU B 134 -15.40 -10.05 -2.68
C LEU B 134 -16.83 -9.67 -3.08
N GLN B 135 -17.41 -10.37 -4.04
CA GLN B 135 -18.79 -10.11 -4.43
C GLN B 135 -19.70 -10.34 -3.23
N THR B 136 -19.45 -11.42 -2.49
CA THR B 136 -20.26 -11.72 -1.31
C THR B 136 -20.14 -10.63 -0.26
N GLU B 137 -18.91 -10.17 -0.01
CA GLU B 137 -18.68 -9.18 1.03
C GLU B 137 -19.35 -7.85 0.66
N LEU B 138 -19.25 -7.46 -0.61
CA LEU B 138 -19.86 -6.20 -1.04
C LEU B 138 -21.40 -6.25 -1.01
N ALA B 139 -21.95 -7.43 -1.25
CA ALA B 139 -23.41 -7.58 -1.36
C ALA B 139 -24.13 -7.38 -0.02
N ARG B 140 -23.38 -7.48 1.08
CA ARG B 140 -23.93 -7.26 2.42
C ARG B 140 -24.15 -5.78 2.73
N LEU B 141 -23.49 -4.90 1.97
CA LEU B 141 -23.45 -3.48 2.33
C LEU B 141 -24.68 -2.70 1.88
N SER B 142 -24.85 -1.52 2.47
CA SER B 142 -25.92 -0.60 2.10
C SER B 142 -25.41 0.52 1.21
N THR B 143 -24.33 0.24 0.50
CA THR B 143 -23.78 1.17 -0.49
C THR B 143 -23.55 0.39 -1.77
N PRO B 144 -23.72 1.04 -2.94
CA PRO B 144 -23.58 0.32 -4.19
C PRO B 144 -22.17 -0.24 -4.33
N SER B 145 -22.05 -1.45 -4.86
CA SER B 145 -20.74 -1.98 -5.18
C SER B 145 -19.99 -1.01 -6.08
N PRO B 146 -18.73 -0.75 -5.76
CA PRO B 146 -17.91 0.11 -6.63
C PRO B 146 -17.30 -0.67 -7.80
N LEU B 147 -17.69 -1.93 -8.01
CA LEU B 147 -17.04 -2.77 -9.03
C LEU B 147 -17.94 -3.10 -10.22
N ASP B 148 -19.12 -2.50 -10.30
CA ASP B 148 -20.05 -2.88 -11.36
C ASP B 148 -19.61 -2.39 -12.73
N GLY B 149 -18.69 -1.43 -12.76
CA GLY B 149 -18.13 -0.96 -14.01
C GLY B 149 -16.71 -1.44 -14.20
N THR B 150 -16.31 -2.44 -13.42
CA THR B 150 -14.94 -2.96 -13.43
C THR B 150 -14.93 -4.37 -14.02
N PHE B 151 -13.81 -4.76 -14.62
CA PHE B 151 -13.67 -6.10 -15.22
C PHE B 151 -12.71 -6.97 -14.41
N CYS B 152 -12.64 -8.26 -14.76
CA CYS B 152 -11.77 -9.17 -13.99
C CYS B 152 -11.32 -10.34 -14.85
N VAL B 153 -10.19 -10.94 -14.46
CA VAL B 153 -9.67 -12.17 -15.07
C VAL B 153 -8.90 -12.94 -14.01
N ASP B 154 -8.75 -14.24 -14.26
CA ASP B 154 -8.05 -15.15 -13.36
C ASP B 154 -6.66 -15.41 -13.94
N SER B 155 -5.64 -15.19 -13.14
CA SER B 155 -4.25 -15.34 -13.61
C SER B 155 -3.83 -16.79 -13.76
N ILE B 156 -4.58 -17.73 -13.19
CA ILE B 156 -4.32 -19.13 -13.49
C ILE B 156 -4.59 -19.43 -14.97
N ALA B 157 -5.74 -19.00 -15.47
CA ALA B 157 -6.04 -19.16 -16.88
C ALA B 157 -5.01 -18.40 -17.73
N ALA B 158 -4.64 -17.20 -17.32
CA ALA B 158 -3.66 -16.42 -18.05
C ALA B 158 -2.30 -17.14 -18.18
N LEU B 159 -1.77 -17.63 -17.06
CA LEU B 159 -0.46 -18.27 -17.10
C LEU B 159 -0.49 -19.63 -17.78
N LYS B 160 -1.59 -20.37 -17.65
CA LYS B 160 -1.74 -21.60 -18.43
C LYS B 160 -1.59 -21.29 -19.92
N ALA B 161 -2.24 -20.21 -20.36
CA ALA B 161 -2.21 -19.83 -21.76
C ALA B 161 -0.81 -19.36 -22.17
N LEU B 162 -0.19 -18.52 -21.36
CA LEU B 162 1.13 -17.99 -21.70
C LEU B 162 2.19 -19.09 -21.69
N GLU B 163 2.13 -19.98 -20.71
CA GLU B 163 3.12 -21.06 -20.66
C GLU B 163 2.94 -22.02 -21.84
N GLN B 164 1.69 -22.32 -22.19
CA GLN B 164 1.44 -23.23 -23.29
C GLN B 164 2.02 -22.66 -24.60
N ALA B 165 1.79 -21.37 -24.83
CA ALA B 165 2.27 -20.71 -26.04
C ALA B 165 3.79 -20.61 -26.06
N SER B 166 4.39 -20.61 -24.88
CA SER B 166 5.84 -20.52 -24.74
C SER B 166 6.53 -21.87 -24.95
N SER B 167 5.80 -22.96 -24.73
CA SER B 167 6.32 -24.30 -24.94
C SER B 167 5.18 -25.27 -25.20
N PRO B 168 4.71 -25.32 -26.45
CA PRO B 168 3.56 -26.15 -26.86
C PRO B 168 3.78 -27.63 -26.53
N GLY B 172 1.40 -29.03 -19.94
CA GLY B 172 0.68 -28.17 -19.02
C GLY B 172 -0.21 -28.94 -18.06
N SER B 173 -0.70 -30.09 -18.50
CA SER B 173 -1.54 -30.94 -17.66
C SER B 173 -0.73 -31.59 -16.55
N ARG B 174 0.58 -31.62 -16.75
CA ARG B 174 1.46 -32.31 -15.81
C ARG B 174 2.16 -31.33 -14.87
N LYS B 175 1.65 -30.12 -14.75
CA LYS B 175 2.22 -29.20 -13.78
C LYS B 175 1.22 -28.39 -12.97
N SER B 176 1.68 -27.88 -11.83
CA SER B 176 0.82 -27.10 -10.94
C SER B 176 0.82 -25.65 -11.38
N TYR B 177 -0.34 -25.02 -11.28
CA TYR B 177 -0.48 -23.59 -11.49
C TYR B 177 -0.79 -22.86 -10.20
N SER B 178 -0.39 -23.45 -9.08
CA SER B 178 -0.38 -22.69 -7.83
C SER B 178 0.57 -21.52 -8.00
N LEU B 179 0.33 -20.47 -7.22
CA LEU B 179 1.12 -19.25 -7.35
C LEU B 179 2.63 -19.52 -7.28
N GLY B 180 3.04 -20.28 -6.27
CA GLY B 180 4.45 -20.51 -6.01
C GLY B 180 5.08 -21.43 -7.03
N SER B 181 4.31 -22.41 -7.49
CA SER B 181 4.78 -23.29 -8.56
C SER B 181 5.12 -22.52 -9.83
N ILE B 182 4.24 -21.59 -10.22
CA ILE B 182 4.52 -20.79 -11.42
C ILE B 182 5.77 -19.92 -11.20
N TYR B 183 5.81 -19.24 -10.06
CA TYR B 183 6.89 -18.30 -9.78
C TYR B 183 8.21 -19.02 -9.87
N THR B 184 8.27 -20.21 -9.29
CA THR B 184 9.53 -20.95 -9.27
C THR B 184 9.90 -21.50 -10.64
N ARG B 185 8.89 -21.87 -11.42
CA ARG B 185 9.14 -22.32 -12.78
C ARG B 185 9.72 -21.20 -13.65
N LEU B 186 9.21 -19.98 -13.47
CA LEU B 186 9.64 -18.84 -14.28
C LEU B 186 11.00 -18.29 -13.85
N TYR B 187 11.20 -18.21 -12.54
CA TYR B 187 12.31 -17.44 -11.99
C TYR B 187 13.33 -18.24 -11.19
N TRP B 188 13.01 -19.51 -10.95
CA TRP B 188 13.91 -20.40 -10.18
C TRP B 188 14.26 -19.84 -8.79
N GLN B 189 13.33 -19.11 -8.18
CA GLN B 189 13.52 -18.60 -6.82
C GLN B 189 12.25 -18.90 -6.05
N ALA B 190 12.33 -18.92 -4.73
CA ALA B 190 11.14 -19.11 -3.92
C ALA B 190 10.48 -17.76 -3.68
N PRO B 191 9.14 -17.73 -3.68
CA PRO B 191 8.44 -16.48 -3.33
C PRO B 191 8.71 -16.09 -1.89
N THR B 192 8.56 -14.81 -1.59
CA THR B 192 8.75 -14.31 -0.23
C THR B 192 7.44 -13.76 0.32
N ASP B 193 7.35 -13.67 1.65
CA ASP B 193 6.17 -13.15 2.33
C ASP B 193 4.87 -13.82 1.90
N SER B 194 4.93 -15.14 1.75
CA SER B 194 3.77 -15.92 1.37
C SER B 194 2.65 -15.74 2.37
N HIS B 195 1.43 -15.78 1.84
CA HIS B 195 0.19 -15.63 2.61
C HIS B 195 0.08 -14.36 3.44
N THR B 196 0.80 -13.33 3.00
CA THR B 196 0.39 -11.96 3.31
C THR B 196 -0.25 -11.40 2.04
N ALA B 197 -1.25 -10.56 2.17
CA ALA B 197 -1.95 -10.09 0.98
C ALA B 197 -1.01 -9.33 0.05
N GLU B 198 -0.18 -8.47 0.60
CA GLU B 198 0.73 -7.72 -0.26
C GLU B 198 1.83 -8.62 -0.82
N GLY B 199 2.35 -9.53 0.01
CA GLY B 199 3.45 -10.38 -0.42
C GLY B 199 3.05 -11.21 -1.61
N ASP B 200 1.90 -11.87 -1.51
CA ASP B 200 1.43 -12.69 -2.61
C ASP B 200 0.91 -11.87 -3.81
N ASP B 201 0.41 -10.66 -3.55
CA ASP B 201 0.01 -9.77 -4.66
C ASP B 201 1.26 -9.37 -5.44
N LEU B 202 2.34 -9.09 -4.72
CA LEU B 202 3.60 -8.77 -5.40
C LEU B 202 4.16 -9.94 -6.22
N THR B 203 4.03 -11.15 -5.69
CA THR B 203 4.46 -12.34 -6.42
C THR B 203 3.65 -12.51 -7.70
N LEU B 204 2.35 -12.26 -7.58
CA LEU B 204 1.46 -12.30 -8.74
C LEU B 204 1.86 -11.25 -9.78
N LEU B 205 2.15 -10.04 -9.31
CA LEU B 205 2.60 -8.97 -10.20
C LEU B 205 3.85 -9.45 -10.94
N SER B 206 4.76 -10.10 -10.22
CA SER B 206 6.01 -10.56 -10.84
C SER B 206 5.72 -11.60 -11.93
N ILE B 207 4.83 -12.54 -11.67
CA ILE B 207 4.55 -13.53 -12.69
C ILE B 207 3.86 -12.88 -13.90
N CYS B 208 3.07 -11.84 -13.66
CA CYS B 208 2.40 -11.17 -14.78
C CYS B 208 3.37 -10.28 -15.57
N GLN B 209 4.49 -9.90 -14.95
CA GLN B 209 5.54 -9.15 -15.64
C GLN B 209 6.52 -10.02 -16.43
N TRP B 210 6.35 -11.33 -16.39
CA TRP B 210 7.26 -12.24 -17.08
C TRP B 210 7.25 -11.97 -18.59
N LYS B 211 6.05 -11.91 -19.15
CA LYS B 211 5.84 -11.54 -20.54
C LYS B 211 4.70 -10.52 -20.61
N PRO B 212 5.00 -9.25 -20.31
CA PRO B 212 3.99 -8.20 -20.12
C PRO B 212 3.07 -8.01 -21.32
N GLN B 213 3.64 -7.94 -22.52
CA GLN B 213 2.82 -7.70 -23.71
C GLN B 213 1.85 -8.85 -23.96
N ALA B 214 2.35 -10.07 -23.81
CA ALA B 214 1.50 -11.26 -24.01
C ALA B 214 0.43 -11.33 -22.93
N LEU B 215 0.82 -11.01 -21.69
CA LEU B 215 -0.13 -11.01 -20.58
C LEU B 215 -1.25 -9.98 -20.82
N LEU B 216 -0.87 -8.76 -21.21
CA LEU B 216 -1.87 -7.73 -21.48
C LEU B 216 -2.81 -8.15 -22.60
N GLN B 217 -2.25 -8.76 -23.64
CA GLN B 217 -3.05 -9.21 -24.77
C GLN B 217 -4.09 -10.23 -24.31
N TRP B 218 -3.65 -11.22 -23.54
CA TRP B 218 -4.56 -12.23 -23.03
C TRP B 218 -5.63 -11.58 -22.14
N VAL B 219 -5.23 -10.67 -21.26
CA VAL B 219 -6.19 -9.99 -20.40
C VAL B 219 -7.27 -9.26 -21.21
N ASP B 220 -6.85 -8.50 -22.22
CA ASP B 220 -7.81 -7.78 -23.06
C ASP B 220 -8.81 -8.74 -23.72
N GLU B 221 -8.32 -9.89 -24.17
CA GLU B 221 -9.17 -10.85 -24.86
C GLU B 221 -10.12 -11.60 -23.92
N HIS B 222 -9.79 -11.68 -22.64
CA HIS B 222 -10.56 -12.51 -21.72
C HIS B 222 -11.24 -11.76 -20.58
N ALA B 223 -11.05 -10.45 -20.50
CA ALA B 223 -11.68 -9.66 -19.45
C ALA B 223 -13.20 -9.88 -19.45
N ARG B 224 -13.78 -10.06 -18.28
CA ARG B 224 -15.24 -10.14 -18.16
C ARG B 224 -15.72 -9.21 -17.06
N PRO B 225 -17.02 -8.81 -17.11
CA PRO B 225 -17.50 -7.86 -16.10
C PRO B 225 -17.54 -8.48 -14.71
N PHE B 226 -17.04 -7.73 -13.72
CA PHE B 226 -17.12 -8.21 -12.34
C PHE B 226 -18.58 -8.35 -11.92
N SER B 227 -19.46 -7.58 -12.54
CA SER B 227 -20.87 -7.65 -12.17
C SER B 227 -21.46 -9.04 -12.44
N THR B 228 -20.80 -9.83 -13.29
CA THR B 228 -21.28 -11.15 -13.64
C THR B 228 -20.73 -12.26 -12.74
N VAL B 229 -19.89 -11.89 -11.77
CA VAL B 229 -19.32 -12.86 -10.85
C VAL B 229 -20.37 -13.27 -9.82
N LYS B 230 -20.64 -14.56 -9.72
CA LYS B 230 -21.62 -15.06 -8.77
C LYS B 230 -21.02 -15.04 -7.38
N PRO B 231 -21.80 -14.58 -6.39
CA PRO B 231 -21.31 -14.54 -5.00
C PRO B 231 -20.92 -15.95 -4.52
N MET B 232 -19.86 -16.03 -3.70
CA MET B 232 -19.43 -17.32 -3.16
C MET B 232 -20.56 -17.93 -2.33
N TYR B 233 -21.13 -17.11 -1.46
CA TYR B 233 -22.26 -17.54 -0.65
C TYR B 233 -23.23 -16.39 -0.39
N GLY B 234 -24.39 -16.70 0.19
CA GLY B 234 -25.36 -15.68 0.52
C GLY B 234 -25.97 -15.91 1.88
CA CA E . 11.22 10.34 0.60
I IOD F . 1.88 -6.85 14.69
I IOD G . 12.06 1.30 24.42
I IOD H . 7.10 27.75 -0.60
CA CA I . -2.19 -14.87 -0.32
I IOD J . 6.85 2.72 -14.51
I IOD K . 14.21 -19.58 -18.95
I IOD L . 6.38 -10.13 -23.89
I IOD M . -16.78 -18.02 16.40
I IOD N . -8.50 -25.51 9.74
I IOD O . -11.44 -23.85 5.97
I IOD P . -19.12 -20.93 0.86
I IOD Q . -12.60 -14.80 18.18
CA CA R . -4.75 -15.65 -2.95
CA CA S . 10.49 12.87 3.23
I IOD T . 24.66 20.32 12.21
#